data_2RAL
#
_entry.id   2RAL
#
_cell.length_a   61.507
_cell.length_b   94.172
_cell.length_c   129.583
_cell.angle_alpha   90.00
_cell.angle_beta   90.00
_cell.angle_gamma   90.00
#
_symmetry.space_group_name_H-M   'P 21 21 21'
#
_entity_poly.entity_id   1
_entity_poly.type   'polypeptide(L)'
_entity_poly.pdbx_seq_one_letter_code
;MGRSHHHHHHGSLVPRGSEQGSNVNHLIKVTDQSITEGYDDSDGIIKAHDAENLIYDVTFEVDDKVKSGDTMTVNIDKNT
VPSDLTDSFAIPKIKDNSGEIIATGTYDNTNKQITYTFTDYVDKYCNIKAHLKLTSYIDKSKVPNNNTKLDVEYKTALSS
VNKTITVEYQKPNENRTANLQSMFTNIDTKNHTVEQTIYINPLRYSAKETNVNISGNGDEGSTIIDDSTIIKVYKVGDNQ
NLPDSNRIYDYSEYEDVTNDDYAQLGNNNDVNINFGNIDSPYIIKVISKYDPNKDDYTTIQQTVTMQTTINEYTGEFRTA
SYDNTIAFSTSSGQGQGDLC
;
_entity_poly.pdbx_strand_id   A,B
#
# COMPACT_ATOMS: atom_id res chain seq x y z
N GLY A 21 13.17 18.09 15.52
CA GLY A 21 12.69 16.69 15.73
C GLY A 21 13.44 15.98 16.84
N SER A 22 12.85 15.93 18.03
CA SER A 22 13.49 15.28 19.17
C SER A 22 12.52 14.37 19.91
N ASN A 23 13.05 13.61 20.86
CA ASN A 23 12.22 12.71 21.66
C ASN A 23 11.46 13.49 22.70
N VAL A 24 10.14 13.36 22.70
CA VAL A 24 9.29 14.08 23.65
C VAL A 24 8.61 13.24 24.72
N ASN A 25 9.23 12.15 25.14
CA ASN A 25 8.62 11.32 26.18
C ASN A 25 8.24 12.15 27.40
N HIS A 26 9.07 13.14 27.72
CA HIS A 26 8.82 14.00 28.88
C HIS A 26 7.63 14.93 28.73
N LEU A 27 7.13 15.01 27.50
CA LEU A 27 5.99 15.85 27.19
C LEU A 27 4.77 14.95 26.98
N ILE A 28 4.88 13.69 27.38
CA ILE A 28 3.80 12.73 27.24
C ILE A 28 3.29 12.34 28.64
N LYS A 29 2.00 12.55 28.89
CA LYS A 29 1.42 12.22 30.19
C LYS A 29 0.39 11.07 30.10
N VAL A 30 0.84 9.88 30.46
CA VAL A 30 -0.01 8.69 30.43
C VAL A 30 -1.06 8.76 31.52
N THR A 31 -2.33 8.73 31.12
CA THR A 31 -3.42 8.81 32.09
C THR A 31 -3.93 7.44 32.56
N ASP A 32 -3.70 6.41 31.77
CA ASP A 32 -4.13 5.06 32.12
C ASP A 32 -3.60 3.97 31.22
N GLN A 33 -3.05 2.95 31.84
CA GLN A 33 -2.48 1.82 31.13
C GLN A 33 -3.11 0.57 31.68
N SER A 34 -2.83 -0.54 31.03
CA SER A 34 -3.35 -1.79 31.48
C SER A 34 -2.86 -2.89 30.59
N ILE A 35 -2.51 -4.00 31.23
CA ILE A 35 -2.04 -5.19 30.56
C ILE A 35 -3.21 -6.15 30.66
N THR A 36 -3.52 -6.84 29.58
CA THR A 36 -4.66 -7.74 29.63
C THR A 36 -4.47 -8.99 28.79
N GLU A 37 -5.09 -10.07 29.23
CA GLU A 37 -5.00 -11.32 28.51
C GLU A 37 -6.17 -11.31 27.54
N GLY A 38 -5.94 -11.79 26.33
CA GLY A 38 -7.00 -11.80 25.35
C GLY A 38 -8.13 -12.74 25.65
N TYR A 39 -7.93 -13.64 26.61
CA TYR A 39 -8.95 -14.61 26.98
C TYR A 39 -9.40 -14.44 28.43
N ASP A 40 -10.72 -14.41 28.61
CA ASP A 40 -11.35 -14.23 29.92
C ASP A 40 -11.31 -15.44 30.82
N ASP A 41 -10.71 -16.55 30.39
CA ASP A 41 -10.70 -17.74 31.22
C ASP A 41 -9.37 -18.40 31.53
N SER A 42 -8.28 -17.64 31.51
CA SER A 42 -6.95 -18.18 31.79
C SER A 42 -6.16 -17.01 32.32
N ASP A 43 -6.34 -16.72 33.61
CA ASP A 43 -5.68 -15.59 34.22
C ASP A 43 -4.36 -15.96 34.87
N GLY A 44 -3.31 -15.25 34.43
CA GLY A 44 -1.98 -15.51 34.94
C GLY A 44 -1.34 -16.51 34.01
N ILE A 45 -2.14 -17.05 33.11
CA ILE A 45 -1.66 -18.03 32.15
C ILE A 45 -1.97 -17.60 30.73
N ILE A 46 -0.97 -17.68 29.87
CA ILE A 46 -1.15 -17.36 28.46
C ILE A 46 -1.10 -18.68 27.71
N LYS A 47 -2.16 -18.97 26.98
CA LYS A 47 -2.18 -20.19 26.20
C LYS A 47 -1.54 -19.83 24.87
N ALA A 48 -0.22 -19.74 24.88
CA ALA A 48 0.55 -19.40 23.69
C ALA A 48 0.16 -20.30 22.54
N HIS A 49 -0.34 -21.51 22.84
CA HIS A 49 -0.72 -22.42 21.77
C HIS A 49 -2.17 -22.41 21.42
N ASP A 50 -2.87 -21.39 21.91
CA ASP A 50 -4.30 -21.22 21.65
C ASP A 50 -4.49 -19.81 21.13
N ALA A 51 -3.38 -19.19 20.73
CA ALA A 51 -3.36 -17.83 20.21
C ALA A 51 -3.76 -16.78 21.23
N GLU A 52 -3.61 -17.07 22.53
CA GLU A 52 -3.97 -16.09 23.55
C GLU A 52 -2.93 -14.99 23.55
N ASN A 53 -3.34 -13.79 23.16
CA ASN A 53 -2.43 -12.66 23.12
C ASN A 53 -2.46 -11.85 24.40
N LEU A 54 -1.54 -10.91 24.50
CA LEU A 54 -1.47 -10.02 25.62
C LEU A 54 -2.01 -8.71 25.06
N ILE A 55 -2.68 -7.93 25.90
CA ILE A 55 -3.24 -6.68 25.43
C ILE A 55 -2.76 -5.50 26.25
N TYR A 56 -2.17 -4.53 25.57
CA TYR A 56 -1.67 -3.35 26.21
C TYR A 56 -2.54 -2.16 25.85
N ASP A 57 -3.32 -1.66 26.80
CA ASP A 57 -4.15 -0.49 26.53
C ASP A 57 -3.52 0.69 27.26
N VAL A 58 -3.34 1.79 26.54
CA VAL A 58 -2.76 2.98 27.14
C VAL A 58 -3.38 4.25 26.56
N THR A 59 -3.55 5.24 27.41
CA THR A 59 -4.10 6.53 27.02
C THR A 59 -3.09 7.58 27.48
N PHE A 60 -2.85 8.58 26.66
CA PHE A 60 -1.89 9.61 27.04
C PHE A 60 -2.18 10.95 26.41
N GLU A 61 -1.71 12.01 27.06
CA GLU A 61 -1.90 13.35 26.56
C GLU A 61 -0.60 13.74 25.89
N VAL A 62 -0.68 14.61 24.91
CA VAL A 62 0.50 15.06 24.20
C VAL A 62 0.57 16.57 24.31
N ASP A 63 1.59 17.07 25.02
CA ASP A 63 1.72 18.52 25.20
C ASP A 63 1.65 19.30 23.90
N ASP A 64 1.05 20.48 23.97
CA ASP A 64 0.90 21.34 22.80
C ASP A 64 2.26 21.65 22.24
N LYS A 65 3.24 21.63 23.13
CA LYS A 65 4.60 21.92 22.75
C LYS A 65 5.21 20.93 21.77
N VAL A 66 4.75 19.67 21.78
CA VAL A 66 5.30 18.70 20.84
C VAL A 66 5.05 19.22 19.43
N LYS A 67 5.99 18.97 18.53
CA LYS A 67 5.84 19.46 17.18
C LYS A 67 6.06 18.41 16.11
N SER A 68 5.49 18.68 14.95
CA SER A 68 5.63 17.78 13.81
C SER A 68 7.08 17.38 13.63
N GLY A 69 7.35 16.09 13.76
CA GLY A 69 8.71 15.63 13.59
C GLY A 69 9.22 15.00 14.86
N ASP A 70 8.63 15.37 15.98
CA ASP A 70 9.05 14.82 17.25
C ASP A 70 8.68 13.35 17.29
N THR A 71 9.35 12.62 18.18
CA THR A 71 9.13 11.20 18.33
C THR A 71 8.84 10.83 19.79
N MET A 72 8.26 9.65 19.99
CA MET A 72 7.98 9.15 21.34
C MET A 72 8.21 7.63 21.30
N THR A 73 8.18 6.96 22.44
CA THR A 73 8.41 5.51 22.47
C THR A 73 7.40 4.72 23.27
N VAL A 74 7.24 3.46 22.88
CA VAL A 74 6.35 2.51 23.56
C VAL A 74 7.07 1.17 23.59
N ASN A 75 7.19 0.57 24.77
CA ASN A 75 7.88 -0.70 24.94
C ASN A 75 6.96 -1.87 25.20
N ILE A 76 7.01 -2.89 24.35
CA ILE A 76 6.22 -4.08 24.62
C ILE A 76 7.21 -4.93 25.42
N ASP A 77 6.74 -5.91 26.17
CA ASP A 77 7.65 -6.73 26.96
C ASP A 77 8.70 -7.47 26.15
N LYS A 78 9.93 -7.47 26.67
CA LYS A 78 11.08 -8.12 26.04
C LYS A 78 10.82 -9.54 25.51
N ASN A 79 9.90 -10.28 26.14
CA ASN A 79 9.64 -11.64 25.70
C ASN A 79 8.44 -11.79 24.79
N THR A 80 8.04 -10.71 24.14
CA THR A 80 6.90 -10.74 23.24
C THR A 80 7.21 -10.08 21.91
N VAL A 81 6.41 -10.41 20.90
CA VAL A 81 6.56 -9.88 19.55
C VAL A 81 5.18 -9.39 19.15
N PRO A 82 5.10 -8.38 18.25
CA PRO A 82 3.81 -7.84 17.79
C PRO A 82 2.92 -8.89 17.10
N SER A 83 3.56 -9.94 16.60
CA SER A 83 2.88 -11.04 15.94
C SER A 83 3.64 -12.34 16.11
N ASP A 84 2.93 -13.44 16.27
CA ASP A 84 3.60 -14.72 16.42
C ASP A 84 3.57 -15.52 15.12
N LEU A 85 3.14 -14.90 14.02
CA LEU A 85 3.05 -15.60 12.74
C LEU A 85 3.79 -15.01 11.57
N THR A 86 4.28 -13.78 11.71
CA THR A 86 4.97 -13.08 10.63
C THR A 86 6.21 -12.44 11.22
N ASP A 87 6.63 -11.35 10.58
CA ASP A 87 7.78 -10.54 10.99
C ASP A 87 7.49 -9.11 10.51
N SER A 88 7.03 -8.99 9.29
CA SER A 88 6.72 -7.68 8.72
C SER A 88 5.42 -7.15 9.35
N PHE A 89 5.51 -6.73 10.61
CA PHE A 89 4.35 -6.20 11.29
C PHE A 89 4.34 -4.69 11.34
N ALA A 90 3.17 -4.15 11.06
CA ALA A 90 2.98 -2.72 11.07
C ALA A 90 2.50 -2.32 12.46
N ILE A 91 2.84 -1.11 12.85
CA ILE A 91 2.42 -0.60 14.11
C ILE A 91 1.24 0.25 13.76
N PRO A 92 0.16 0.15 14.52
CA PRO A 92 -0.98 0.99 14.15
C PRO A 92 -0.66 2.48 14.06
N LYS A 93 -1.06 3.12 12.97
CA LYS A 93 -0.86 4.56 12.83
C LYS A 93 -1.83 5.19 13.83
N ILE A 94 -1.49 6.35 14.36
CA ILE A 94 -2.41 6.96 15.31
C ILE A 94 -3.28 7.97 14.56
N LYS A 95 -4.57 7.64 14.44
CA LYS A 95 -5.54 8.49 13.73
C LYS A 95 -6.71 8.95 14.59
N ASP A 96 -7.48 9.89 14.06
CA ASP A 96 -8.66 10.33 14.78
C ASP A 96 -9.84 10.17 13.79
N ASN A 97 -11.06 10.01 14.32
CA ASN A 97 -12.26 9.81 13.51
C ASN A 97 -12.29 10.74 12.28
N SER A 98 -11.38 11.72 12.26
CA SER A 98 -11.28 12.68 11.18
C SER A 98 -10.60 12.08 9.96
N GLY A 99 -9.74 11.09 10.20
CA GLY A 99 -9.01 10.47 9.12
C GLY A 99 -7.56 10.91 9.10
N GLU A 100 -7.26 12.05 9.70
CA GLU A 100 -5.88 12.56 9.73
C GLU A 100 -4.98 11.67 10.60
N ILE A 101 -3.77 11.45 10.12
CA ILE A 101 -2.82 10.65 10.87
C ILE A 101 -2.06 11.57 11.82
N ILE A 102 -2.11 11.22 13.09
CA ILE A 102 -1.47 11.99 14.14
C ILE A 102 0.00 11.58 14.31
N ALA A 103 0.27 10.29 14.12
CA ALA A 103 1.62 9.77 14.26
C ALA A 103 1.68 8.36 13.71
N THR A 104 2.79 8.04 13.08
CA THR A 104 3.01 6.72 12.52
C THR A 104 4.14 6.14 13.34
N GLY A 105 4.34 4.82 13.27
CA GLY A 105 5.41 4.26 14.05
C GLY A 105 6.13 3.05 13.51
N THR A 106 7.42 2.95 13.84
CA THR A 106 8.24 1.83 13.44
C THR A 106 8.53 0.95 14.65
N TYR A 107 9.01 -0.27 14.43
CA TYR A 107 9.30 -1.18 15.53
C TYR A 107 10.66 -1.83 15.47
N ASP A 108 11.40 -1.72 16.56
CA ASP A 108 12.73 -2.30 16.68
C ASP A 108 12.64 -3.62 17.44
N ASN A 109 12.89 -4.73 16.76
CA ASN A 109 12.78 -6.01 17.41
C ASN A 109 13.89 -6.39 18.36
N THR A 110 15.05 -5.77 18.24
CA THR A 110 16.11 -6.15 19.17
C THR A 110 15.76 -5.63 20.56
N ASN A 111 15.11 -4.49 20.64
CA ASN A 111 14.74 -3.94 21.92
C ASN A 111 13.24 -4.05 22.21
N LYS A 112 12.49 -4.53 21.22
CA LYS A 112 11.04 -4.65 21.35
C LYS A 112 10.47 -3.27 21.65
N GLN A 113 10.89 -2.29 20.88
CA GLN A 113 10.43 -0.93 21.08
C GLN A 113 9.80 -0.32 19.84
N ILE A 114 8.74 0.44 20.06
CA ILE A 114 8.03 1.12 19.00
C ILE A 114 8.40 2.59 19.07
N THR A 115 8.50 3.22 17.92
CA THR A 115 8.82 4.65 17.93
C THR A 115 7.86 5.39 17.05
N TYR A 116 7.00 6.16 17.69
CA TYR A 116 6.03 6.97 16.96
C TYR A 116 6.62 8.35 16.69
N THR A 117 6.41 8.84 15.48
CA THR A 117 6.90 10.14 15.06
C THR A 117 5.64 10.90 14.66
N PHE A 118 5.44 12.07 15.27
CA PHE A 118 4.25 12.85 14.98
C PHE A 118 4.24 13.52 13.61
N THR A 119 3.04 13.86 13.14
CA THR A 119 2.86 14.49 11.84
C THR A 119 2.56 15.99 11.93
N ASP A 120 2.09 16.57 10.82
CA ASP A 120 1.72 17.99 10.80
C ASP A 120 0.76 18.22 11.93
N TYR A 121 -0.10 17.22 12.10
CA TYR A 121 -1.14 17.19 13.11
C TYR A 121 -0.86 17.89 14.43
N VAL A 122 0.29 17.62 15.05
CA VAL A 122 0.60 18.25 16.33
C VAL A 122 0.89 19.74 16.26
N ASP A 123 0.96 20.28 15.05
CA ASP A 123 1.18 21.71 14.85
C ASP A 123 -0.18 22.38 14.63
N LYS A 124 -1.18 21.60 14.22
CA LYS A 124 -2.52 22.14 13.97
C LYS A 124 -3.49 22.03 15.13
N TYR A 125 -3.42 20.93 15.88
CA TYR A 125 -4.33 20.74 16.99
C TYR A 125 -3.72 20.98 18.36
N CYS A 126 -4.60 21.22 19.33
CA CYS A 126 -4.20 21.49 20.68
C CYS A 126 -4.87 20.57 21.66
N ASN A 127 -4.34 20.50 22.87
CA ASN A 127 -4.86 19.62 23.92
C ASN A 127 -5.00 18.18 23.43
N ILE A 128 -4.11 17.79 22.52
CA ILE A 128 -4.10 16.45 21.93
C ILE A 128 -4.08 15.27 22.91
N LYS A 129 -4.74 14.18 22.52
CA LYS A 129 -4.78 12.97 23.34
C LYS A 129 -4.96 11.77 22.41
N ALA A 130 -4.47 10.62 22.84
CA ALA A 130 -4.58 9.41 22.03
C ALA A 130 -4.67 8.17 22.87
N HIS A 131 -5.11 7.07 22.27
CA HIS A 131 -5.22 5.82 22.99
C HIS A 131 -4.72 4.68 22.11
N LEU A 132 -3.99 3.76 22.71
CA LEU A 132 -3.48 2.63 21.96
C LEU A 132 -3.92 1.32 22.57
N LYS A 133 -4.27 0.39 21.70
CA LYS A 133 -4.63 -0.93 22.14
C LYS A 133 -3.63 -1.73 21.35
N LEU A 134 -2.52 -2.07 21.98
CA LEU A 134 -1.48 -2.82 21.33
C LEU A 134 -1.60 -4.30 21.68
N THR A 135 -1.72 -5.13 20.66
CA THR A 135 -1.85 -6.56 20.85
C THR A 135 -0.45 -7.16 20.74
N SER A 136 -0.16 -8.21 21.50
CA SER A 136 1.16 -8.85 21.41
C SER A 136 1.16 -10.35 21.76
N TYR A 137 2.20 -11.07 21.34
CA TYR A 137 2.29 -12.50 21.61
C TYR A 137 3.67 -12.88 22.17
N ILE A 138 3.76 -14.07 22.76
CA ILE A 138 5.02 -14.54 23.34
C ILE A 138 6.04 -14.86 22.28
N ASP A 139 7.23 -14.26 22.40
CA ASP A 139 8.33 -14.49 21.46
C ASP A 139 8.99 -15.82 21.78
N LYS A 140 8.52 -16.90 21.16
CA LYS A 140 9.02 -18.24 21.40
C LYS A 140 10.54 -18.39 21.38
N SER A 141 11.22 -17.56 20.60
CA SER A 141 12.68 -17.62 20.51
C SER A 141 13.26 -17.39 21.91
N LYS A 142 12.60 -16.53 22.67
CA LYS A 142 12.99 -16.18 24.03
C LYS A 142 12.34 -17.09 25.08
N VAL A 143 11.24 -17.73 24.73
CA VAL A 143 10.56 -18.60 25.68
C VAL A 143 10.20 -19.93 25.03
N PRO A 144 11.14 -20.88 25.03
CA PRO A 144 10.89 -22.18 24.41
C PRO A 144 10.39 -23.27 25.35
N ASN A 145 10.35 -23.03 26.65
CA ASN A 145 9.93 -24.04 27.61
C ASN A 145 8.60 -23.83 28.28
N ASN A 146 7.84 -24.92 28.37
CA ASN A 146 6.53 -24.91 29.01
C ASN A 146 6.65 -24.42 30.46
N ASN A 147 5.62 -23.73 30.93
CA ASN A 147 5.61 -23.19 32.29
C ASN A 147 6.80 -22.29 32.58
N THR A 148 6.89 -21.19 31.85
CA THR A 148 7.97 -20.24 32.05
C THR A 148 7.38 -18.97 32.67
N LYS A 149 7.59 -18.79 33.97
CA LYS A 149 7.10 -17.60 34.67
C LYS A 149 7.81 -16.39 34.12
N LEU A 150 7.08 -15.28 33.99
CA LEU A 150 7.65 -14.06 33.48
C LEU A 150 7.05 -12.83 34.13
N ASP A 151 7.80 -11.74 34.08
CA ASP A 151 7.33 -10.46 34.58
C ASP A 151 7.36 -9.61 33.34
N VAL A 152 6.24 -9.56 32.64
CA VAL A 152 6.18 -8.78 31.42
C VAL A 152 6.10 -7.33 31.82
N GLU A 153 6.59 -6.43 30.97
CA GLU A 153 6.52 -5.02 31.30
C GLU A 153 6.24 -4.12 30.11
N TYR A 154 5.13 -3.41 30.15
CA TYR A 154 4.77 -2.52 29.07
C TYR A 154 5.03 -1.10 29.51
N LYS A 155 5.45 -0.24 28.58
CA LYS A 155 5.77 1.12 28.96
C LYS A 155 5.52 2.10 27.84
N THR A 156 4.94 3.25 28.18
CA THR A 156 4.67 4.32 27.22
C THR A 156 5.31 5.56 27.79
N ALA A 157 6.41 5.99 27.17
CA ALA A 157 7.19 7.15 27.60
C ALA A 157 7.85 6.84 28.95
N LEU A 158 7.39 7.50 30.01
CA LEU A 158 7.99 7.30 31.32
C LEU A 158 7.15 6.48 32.27
N SER A 159 5.99 6.03 31.82
CA SER A 159 5.11 5.23 32.67
C SER A 159 5.06 3.77 32.22
N SER A 160 5.38 2.87 33.14
CA SER A 160 5.36 1.46 32.83
C SER A 160 4.38 0.82 33.78
N VAL A 161 3.98 -0.41 33.46
CA VAL A 161 3.05 -1.15 34.30
C VAL A 161 3.45 -2.62 34.12
N ASN A 162 3.28 -3.41 35.18
CA ASN A 162 3.69 -4.79 35.14
C ASN A 162 2.64 -5.83 35.46
N LYS A 163 2.98 -7.07 35.17
CA LYS A 163 2.08 -8.17 35.45
C LYS A 163 2.89 -9.45 35.49
N THR A 164 2.35 -10.43 36.19
CA THR A 164 3.02 -11.71 36.29
C THR A 164 2.21 -12.75 35.55
N ILE A 165 2.82 -13.42 34.59
CA ILE A 165 2.10 -14.44 33.85
C ILE A 165 3.00 -15.63 33.60
N THR A 166 2.37 -16.78 33.42
CA THR A 166 3.07 -18.02 33.15
C THR A 166 2.69 -18.50 31.75
N VAL A 167 3.71 -18.78 30.95
CA VAL A 167 3.50 -19.27 29.60
C VAL A 167 3.28 -20.77 29.63
N GLU A 168 2.30 -21.25 28.89
CA GLU A 168 2.00 -22.66 28.84
C GLU A 168 1.86 -23.13 27.39
N TYR A 169 2.43 -24.28 27.09
CA TYR A 169 2.37 -24.82 25.73
C TYR A 169 1.55 -26.10 25.65
N GLN A 170 1.23 -26.52 24.42
CA GLN A 170 0.42 -27.73 24.20
C GLN A 170 1.16 -29.03 24.47
N LYS A 171 0.39 -30.08 24.73
CA LYS A 171 0.98 -31.38 24.96
C LYS A 171 0.66 -32.14 23.70
N PRO A 172 1.36 -33.25 23.43
CA PRO A 172 1.05 -33.98 22.19
C PRO A 172 -0.17 -34.90 22.34
N ASN A 173 -0.94 -35.08 21.28
CA ASN A 173 -2.10 -35.98 21.37
C ASN A 173 -1.61 -37.37 21.07
N GLU A 174 -2.06 -38.36 21.84
CA GLU A 174 -1.60 -39.72 21.63
C GLU A 174 -2.63 -40.84 21.67
N ASN A 175 -2.22 -41.99 21.19
CA ASN A 175 -3.05 -43.18 21.14
C ASN A 175 -2.04 -44.29 20.88
N ARG A 176 -1.86 -45.19 21.86
CA ARG A 176 -0.91 -46.27 21.73
C ARG A 176 0.41 -45.62 21.25
N THR A 177 0.98 -46.08 20.14
CA THR A 177 2.23 -45.48 19.69
C THR A 177 2.05 -44.22 18.83
N ALA A 178 0.85 -43.98 18.34
CA ALA A 178 0.61 -42.79 17.56
C ALA A 178 0.65 -41.60 18.52
N ASN A 179 1.35 -40.53 18.16
CA ASN A 179 1.44 -39.36 19.01
C ASN A 179 2.12 -38.19 18.28
N LEU A 180 1.53 -37.01 18.35
CA LEU A 180 2.10 -35.86 17.67
C LEU A 180 1.55 -34.56 18.21
N GLN A 181 1.96 -33.47 17.56
CA GLN A 181 1.53 -32.12 17.88
C GLN A 181 2.02 -31.22 16.78
N SER A 182 1.23 -30.22 16.43
CA SER A 182 1.63 -29.29 15.39
C SER A 182 1.35 -27.88 15.81
N MET A 183 1.70 -26.94 14.95
CA MET A 183 1.47 -25.56 15.25
C MET A 183 1.86 -24.78 14.02
N PHE A 184 1.12 -23.72 13.71
CA PHE A 184 1.47 -22.90 12.57
C PHE A 184 2.57 -21.98 13.08
N THR A 185 3.63 -21.78 12.27
CA THR A 185 4.74 -20.95 12.70
C THR A 185 4.99 -19.76 11.78
N ASN A 186 4.25 -19.69 10.69
CA ASN A 186 4.40 -18.55 9.79
C ASN A 186 3.33 -18.47 8.74
N ILE A 187 2.98 -17.24 8.38
CA ILE A 187 2.00 -17.00 7.34
C ILE A 187 2.42 -15.85 6.44
N ASP A 188 2.31 -16.09 5.13
CA ASP A 188 2.63 -15.12 4.11
C ASP A 188 1.30 -14.74 3.48
N THR A 189 0.63 -13.78 4.07
CA THR A 189 -0.66 -13.34 3.57
C THR A 189 -0.54 -12.67 2.21
N LYS A 190 0.66 -12.22 1.85
CA LYS A 190 0.85 -11.60 0.55
C LYS A 190 0.86 -12.66 -0.55
N ASN A 191 1.51 -13.80 -0.30
CA ASN A 191 1.58 -14.88 -1.29
C ASN A 191 0.69 -16.08 -0.99
N HIS A 192 -0.07 -15.99 0.08
CA HIS A 192 -1.01 -17.05 0.43
C HIS A 192 -0.37 -18.39 0.82
N THR A 193 0.55 -18.35 1.78
CA THR A 193 1.20 -19.55 2.26
C THR A 193 1.20 -19.58 3.78
N VAL A 194 1.37 -20.78 4.34
CA VAL A 194 1.40 -20.94 5.78
C VAL A 194 2.39 -22.05 6.10
N GLU A 195 3.15 -21.87 7.16
CA GLU A 195 4.15 -22.84 7.57
C GLU A 195 3.66 -23.61 8.78
N GLN A 196 3.66 -24.93 8.69
CA GLN A 196 3.22 -25.74 9.81
C GLN A 196 4.37 -26.58 10.28
N THR A 197 4.72 -26.43 11.55
CA THR A 197 5.80 -27.23 12.13
C THR A 197 5.16 -28.37 12.87
N ILE A 198 5.44 -29.58 12.41
CA ILE A 198 4.87 -30.77 13.03
C ILE A 198 5.90 -31.61 13.77
N TYR A 199 5.55 -32.08 14.96
CA TYR A 199 6.43 -32.96 15.72
C TYR A 199 5.83 -34.35 15.60
N ILE A 200 6.54 -35.24 14.94
CA ILE A 200 6.08 -36.61 14.79
C ILE A 200 6.84 -37.47 15.80
N ASN A 201 6.10 -38.22 16.62
CA ASN A 201 6.65 -39.11 17.66
C ASN A 201 7.52 -38.42 18.72
N PRO A 202 7.06 -37.29 19.27
CA PRO A 202 7.88 -36.62 20.27
C PRO A 202 8.11 -37.44 21.54
N LEU A 203 7.23 -38.39 21.82
CA LEU A 203 7.37 -39.20 23.03
C LEU A 203 8.33 -40.40 22.89
N ARG A 204 9.03 -40.49 21.77
CA ARG A 204 9.97 -41.58 21.57
C ARG A 204 9.46 -43.01 21.74
N TYR A 205 8.22 -43.29 21.35
CA TYR A 205 7.71 -44.65 21.44
C TYR A 205 8.20 -45.38 20.19
N SER A 206 8.19 -46.71 20.23
CA SER A 206 8.61 -47.45 19.06
C SER A 206 7.38 -47.51 18.14
N ALA A 207 7.36 -46.62 17.15
CA ALA A 207 6.25 -46.52 16.21
C ALA A 207 6.47 -47.30 14.92
N LYS A 208 5.79 -48.43 14.80
CA LYS A 208 5.89 -49.30 13.64
C LYS A 208 5.01 -48.87 12.47
N GLU A 209 5.59 -48.88 11.28
CA GLU A 209 4.89 -48.53 10.04
C GLU A 209 4.16 -47.21 10.16
N THR A 210 4.86 -46.20 10.65
CA THR A 210 4.28 -44.88 10.83
C THR A 210 3.99 -44.17 9.52
N ASN A 211 2.79 -43.63 9.42
CA ASN A 211 2.40 -42.91 8.23
C ASN A 211 1.76 -41.60 8.66
N VAL A 212 2.25 -40.50 8.11
CA VAL A 212 1.67 -39.24 8.46
C VAL A 212 0.91 -38.70 7.27
N ASN A 213 -0.37 -38.42 7.48
CA ASN A 213 -1.20 -37.85 6.45
C ASN A 213 -1.46 -36.41 6.82
N ILE A 214 -1.07 -35.51 5.94
CA ILE A 214 -1.29 -34.08 6.17
C ILE A 214 -2.41 -33.68 5.22
N SER A 215 -3.41 -32.98 5.74
CA SER A 215 -4.56 -32.62 4.92
C SER A 215 -4.98 -31.15 4.92
N GLY A 216 -5.45 -30.70 3.77
CA GLY A 216 -5.93 -29.35 3.65
C GLY A 216 -7.40 -29.37 3.97
N ASN A 217 -7.92 -30.55 4.33
CA ASN A 217 -9.33 -30.72 4.65
C ASN A 217 -9.68 -30.53 6.11
N GLY A 218 -9.93 -29.28 6.50
CA GLY A 218 -10.28 -28.98 7.87
C GLY A 218 -11.79 -28.91 7.98
N ASP A 219 -12.30 -29.06 9.20
CA ASP A 219 -13.73 -29.02 9.42
C ASP A 219 -14.23 -27.59 9.69
N GLU A 220 -13.34 -26.63 9.53
CA GLU A 220 -13.70 -25.25 9.81
C GLU A 220 -13.05 -24.33 8.79
N GLY A 221 -12.20 -24.92 7.95
CA GLY A 221 -11.50 -24.19 6.93
C GLY A 221 -10.60 -25.13 6.16
N SER A 222 -9.47 -24.64 5.67
CA SER A 222 -8.61 -25.51 4.89
C SER A 222 -7.36 -24.83 4.37
N THR A 223 -6.56 -25.62 3.65
CA THR A 223 -5.34 -25.14 3.00
C THR A 223 -5.35 -25.93 1.71
N ILE A 224 -4.30 -25.80 0.90
CA ILE A 224 -4.23 -26.54 -0.36
C ILE A 224 -3.01 -27.43 -0.37
N ILE A 225 -3.25 -28.74 -0.41
CA ILE A 225 -2.16 -29.70 -0.46
C ILE A 225 -2.04 -30.20 -1.91
N ASP A 226 -0.95 -29.86 -2.58
CA ASP A 226 -0.75 -30.33 -3.95
C ASP A 226 0.73 -30.47 -4.29
N ASP A 227 1.06 -30.50 -5.58
CA ASP A 227 2.46 -30.67 -5.98
C ASP A 227 3.33 -29.42 -5.74
N SER A 228 2.74 -28.36 -5.20
CA SER A 228 3.49 -27.13 -4.92
C SER A 228 3.80 -27.05 -3.42
N THR A 229 3.54 -28.12 -2.70
CA THR A 229 3.80 -28.11 -1.29
C THR A 229 5.23 -28.47 -1.00
N ILE A 230 5.86 -27.68 -0.14
CA ILE A 230 7.23 -27.93 0.25
C ILE A 230 7.20 -28.67 1.59
N ILE A 231 7.80 -29.87 1.61
CA ILE A 231 7.85 -30.68 2.81
C ILE A 231 9.28 -31.00 3.19
N LYS A 232 9.63 -30.72 4.45
CA LYS A 232 10.96 -30.98 4.97
C LYS A 232 10.84 -31.81 6.23
N VAL A 233 11.58 -32.90 6.29
CA VAL A 233 11.54 -33.77 7.45
C VAL A 233 12.91 -33.84 8.11
N TYR A 234 12.94 -33.74 9.42
CA TYR A 234 14.22 -33.79 10.14
C TYR A 234 14.18 -34.83 11.24
N LYS A 235 15.32 -35.44 11.55
CA LYS A 235 15.35 -36.41 12.64
C LYS A 235 15.90 -35.71 13.88
N VAL A 236 15.22 -35.89 15.01
CA VAL A 236 15.67 -35.30 16.26
C VAL A 236 16.66 -36.28 16.90
N GLY A 237 17.90 -35.84 17.07
CA GLY A 237 18.92 -36.70 17.65
C GLY A 237 18.57 -37.32 18.99
N ASP A 238 19.46 -38.17 19.50
CA ASP A 238 19.24 -38.82 20.78
C ASP A 238 19.32 -37.78 21.89
N ASN A 239 18.18 -37.57 22.54
CA ASN A 239 18.00 -36.60 23.62
C ASN A 239 18.23 -35.18 23.11
N GLN A 240 18.11 -34.97 21.80
CA GLN A 240 18.29 -33.62 21.29
C GLN A 240 17.13 -32.78 21.82
N ASN A 241 17.32 -31.46 21.81
CA ASN A 241 16.35 -30.45 22.28
C ASN A 241 15.16 -30.32 21.35
N LEU A 242 13.95 -30.38 21.91
CA LEU A 242 12.73 -30.21 21.13
C LEU A 242 11.86 -29.21 21.91
N PRO A 243 12.01 -27.91 21.63
CA PRO A 243 11.28 -26.81 22.29
C PRO A 243 9.76 -26.89 22.32
N ASP A 244 9.20 -26.82 23.52
CA ASP A 244 7.77 -26.86 23.73
C ASP A 244 7.09 -25.73 22.98
N SER A 245 7.87 -24.77 22.51
CA SER A 245 7.32 -23.66 21.74
C SER A 245 6.79 -24.18 20.41
N ASN A 246 7.20 -25.38 20.03
CA ASN A 246 6.75 -26.01 18.80
C ASN A 246 7.19 -25.21 17.55
N ARG A 247 8.27 -24.45 17.70
CA ARG A 247 8.79 -23.66 16.61
C ARG A 247 10.31 -23.83 16.56
N ILE A 248 10.85 -24.14 15.38
CA ILE A 248 12.28 -24.36 15.24
C ILE A 248 12.93 -23.14 14.60
N TYR A 249 13.82 -22.47 15.35
CA TYR A 249 14.46 -21.28 14.81
C TYR A 249 15.65 -21.50 13.91
N ASP A 250 16.36 -22.59 14.11
CA ASP A 250 17.53 -22.86 13.29
C ASP A 250 17.59 -24.31 12.91
N TYR A 251 16.92 -24.65 11.81
CA TYR A 251 16.88 -26.02 11.32
C TYR A 251 18.24 -26.69 11.07
N SER A 252 19.31 -25.90 10.95
CA SER A 252 20.62 -26.48 10.70
C SER A 252 21.07 -27.41 11.83
N GLU A 253 20.48 -27.24 13.01
CA GLU A 253 20.84 -28.07 14.14
C GLU A 253 20.41 -29.53 14.02
N TYR A 254 19.47 -29.82 13.11
CA TYR A 254 18.97 -31.20 12.98
C TYR A 254 19.34 -31.93 11.70
N GLU A 255 19.43 -33.25 11.79
CA GLU A 255 19.74 -34.05 10.62
C GLU A 255 18.57 -34.06 9.64
N ASP A 256 18.78 -33.44 8.49
CA ASP A 256 17.78 -33.35 7.43
C ASP A 256 17.59 -34.71 6.81
N VAL A 257 16.36 -35.24 6.85
CA VAL A 257 16.10 -36.56 6.28
C VAL A 257 15.07 -36.55 5.17
N THR A 258 14.81 -35.38 4.57
CA THR A 258 13.83 -35.27 3.49
C THR A 258 14.10 -36.30 2.41
N ASN A 259 13.04 -36.82 1.82
CA ASN A 259 13.17 -37.80 0.74
C ASN A 259 11.80 -37.95 0.06
N ASP A 260 11.59 -37.07 -0.91
CA ASP A 260 10.35 -37.03 -1.66
C ASP A 260 9.88 -38.36 -2.22
N ASP A 261 10.71 -39.39 -2.14
CA ASP A 261 10.28 -40.69 -2.63
C ASP A 261 9.35 -41.31 -1.59
N TYR A 262 9.21 -40.63 -0.45
CA TYR A 262 8.36 -41.12 0.64
C TYR A 262 7.15 -40.24 0.90
N ALA A 263 6.97 -39.25 0.04
CA ALA A 263 5.86 -38.32 0.16
C ALA A 263 5.00 -38.36 -1.10
N GLN A 264 3.85 -39.02 -1.02
CA GLN A 264 2.94 -39.10 -2.17
C GLN A 264 1.64 -38.36 -1.91
N LEU A 265 1.34 -37.38 -2.76
CA LEU A 265 0.10 -36.63 -2.64
C LEU A 265 -1.04 -37.65 -2.57
N GLY A 266 -2.13 -37.29 -1.89
CA GLY A 266 -3.28 -38.18 -1.77
C GLY A 266 -4.37 -37.79 -2.76
N ASN A 267 -5.44 -38.59 -2.81
CA ASN A 267 -6.54 -38.31 -3.73
C ASN A 267 -7.48 -37.24 -3.21
N ASN A 268 -7.30 -36.84 -1.96
CA ASN A 268 -8.19 -35.87 -1.33
C ASN A 268 -7.53 -34.62 -0.71
N ASN A 269 -6.87 -33.83 -1.55
CA ASN A 269 -6.20 -32.60 -1.09
C ASN A 269 -5.34 -32.91 0.14
N ASP A 270 -4.57 -33.97 0.05
CA ASP A 270 -3.76 -34.41 1.18
C ASP A 270 -2.42 -34.96 0.70
N VAL A 271 -1.59 -35.37 1.65
CA VAL A 271 -0.29 -35.95 1.33
C VAL A 271 0.09 -37.03 2.37
N ASN A 272 0.71 -38.10 1.90
CA ASN A 272 1.11 -39.18 2.80
C ASN A 272 2.60 -39.31 2.93
N ILE A 273 3.04 -39.59 4.15
CA ILE A 273 4.46 -39.71 4.41
C ILE A 273 4.79 -40.99 5.16
N ASN A 274 5.51 -41.88 4.49
CA ASN A 274 5.90 -43.15 5.08
C ASN A 274 7.21 -43.02 5.85
N PHE A 275 7.11 -43.18 7.16
CA PHE A 275 8.24 -43.10 8.07
C PHE A 275 8.74 -44.51 8.43
N GLY A 276 7.96 -45.52 8.09
CA GLY A 276 8.36 -46.88 8.45
C GLY A 276 8.44 -47.02 9.96
N ASN A 277 9.32 -47.89 10.45
CA ASN A 277 9.44 -48.09 11.89
C ASN A 277 10.40 -47.08 12.53
N ILE A 278 9.87 -46.15 13.33
CA ILE A 278 10.71 -45.16 13.99
C ILE A 278 10.70 -45.29 15.53
N ASP A 279 11.74 -44.75 16.16
CA ASP A 279 11.92 -44.75 17.62
C ASP A 279 12.21 -43.34 18.11
N SER A 280 12.58 -42.47 17.17
CA SER A 280 12.91 -41.08 17.46
C SER A 280 11.82 -40.12 17.02
N PRO A 281 11.93 -38.86 17.43
CA PRO A 281 10.93 -37.87 17.04
C PRO A 281 11.44 -37.21 15.78
N TYR A 282 10.54 -36.74 14.93
CA TYR A 282 10.97 -36.06 13.72
C TYR A 282 10.25 -34.73 13.63
N ILE A 283 10.83 -33.78 12.91
CA ILE A 283 10.18 -32.49 12.76
C ILE A 283 9.82 -32.43 11.31
N ILE A 284 8.58 -32.06 11.04
CA ILE A 284 8.12 -31.93 9.67
C ILE A 284 7.83 -30.46 9.45
N LYS A 285 8.54 -29.85 8.52
CA LYS A 285 8.30 -28.45 8.22
C LYS A 285 7.52 -28.44 6.92
N VAL A 286 6.28 -27.98 6.98
CA VAL A 286 5.47 -27.92 5.79
C VAL A 286 5.12 -26.50 5.39
N ILE A 287 5.20 -26.24 4.09
CA ILE A 287 4.83 -24.94 3.55
C ILE A 287 3.74 -25.26 2.53
N SER A 288 2.54 -24.79 2.80
CA SER A 288 1.42 -25.02 1.92
C SER A 288 0.79 -23.70 1.54
N LYS A 289 -0.09 -23.74 0.56
CA LYS A 289 -0.77 -22.54 0.13
C LYS A 289 -2.25 -22.62 0.51
N TYR A 290 -2.91 -21.46 0.51
CA TYR A 290 -4.34 -21.38 0.80
C TYR A 290 -4.99 -20.46 -0.23
N ASP A 291 -6.29 -20.63 -0.42
CA ASP A 291 -7.06 -19.83 -1.36
C ASP A 291 -7.70 -18.76 -0.52
N PRO A 292 -7.42 -17.49 -0.84
CA PRO A 292 -7.98 -16.36 -0.08
C PRO A 292 -9.34 -15.88 -0.56
N ASN A 293 -9.94 -16.55 -1.55
CA ASN A 293 -11.20 -16.12 -2.15
C ASN A 293 -12.41 -17.03 -1.85
N LYS A 294 -12.42 -17.69 -0.70
CA LYS A 294 -13.56 -18.55 -0.35
C LYS A 294 -14.74 -17.69 0.17
N ASP A 295 -15.98 -18.19 0.09
CA ASP A 295 -17.15 -17.44 0.58
C ASP A 295 -17.72 -18.01 1.89
N ASP A 296 -17.16 -19.16 2.28
CA ASP A 296 -17.55 -19.82 3.52
C ASP A 296 -16.35 -20.68 3.93
N TYR A 297 -16.42 -21.26 5.13
CA TYR A 297 -15.34 -22.08 5.69
C TYR A 297 -14.07 -21.42 5.19
N THR A 298 -13.97 -20.13 5.52
CA THR A 298 -12.88 -19.25 5.12
C THR A 298 -11.58 -19.35 5.93
N THR A 299 -11.63 -19.99 7.11
CA THR A 299 -10.47 -20.14 8.00
C THR A 299 -9.36 -21.04 7.41
N ILE A 300 -8.12 -20.63 7.61
CA ILE A 300 -6.99 -21.43 7.15
C ILE A 300 -6.83 -22.52 8.21
N GLN A 301 -6.89 -23.79 7.78
CA GLN A 301 -6.80 -24.91 8.70
C GLN A 301 -6.13 -26.10 8.04
N GLN A 302 -5.29 -26.78 8.80
CA GLN A 302 -4.58 -27.94 8.26
C GLN A 302 -4.50 -29.01 9.34
N THR A 303 -4.83 -30.23 8.97
CA THR A 303 -4.88 -31.33 9.93
C THR A 303 -3.93 -32.46 9.67
N VAL A 304 -3.09 -32.73 10.67
CA VAL A 304 -2.12 -33.81 10.57
C VAL A 304 -2.69 -35.01 11.31
N THR A 305 -2.42 -36.20 10.77
CA THR A 305 -2.88 -37.43 11.40
C THR A 305 -1.72 -38.39 11.35
N MET A 306 -1.43 -39.04 12.47
CA MET A 306 -0.33 -39.99 12.49
C MET A 306 -0.92 -41.37 12.66
N GLN A 307 -0.51 -42.28 11.78
CA GLN A 307 -1.01 -43.63 11.86
C GLN A 307 0.13 -44.60 12.09
N THR A 308 -0.12 -45.61 12.91
CA THR A 308 0.89 -46.61 13.20
C THR A 308 0.24 -47.97 13.28
N THR A 309 1.00 -49.03 13.06
CA THR A 309 0.46 -50.37 13.17
C THR A 309 0.87 -50.80 14.57
N ILE A 310 -0.12 -51.08 15.41
CA ILE A 310 0.17 -51.43 16.79
C ILE A 310 0.08 -52.92 17.09
N ASN A 311 -0.18 -53.72 16.07
CA ASN A 311 -0.30 -55.16 16.26
C ASN A 311 0.23 -55.90 15.03
N GLU A 312 1.35 -56.59 15.20
CA GLU A 312 1.95 -57.34 14.10
C GLU A 312 1.17 -58.61 13.83
N TYR A 313 0.30 -58.98 14.76
CA TYR A 313 -0.48 -60.21 14.58
C TYR A 313 -1.84 -59.94 13.93
N THR A 314 -2.33 -58.70 14.03
CA THR A 314 -3.62 -58.35 13.44
C THR A 314 -3.52 -57.33 12.31
N GLY A 315 -2.41 -56.62 12.20
CA GLY A 315 -2.30 -55.63 11.15
C GLY A 315 -3.11 -54.41 11.53
N GLU A 316 -3.68 -54.48 12.72
CA GLU A 316 -4.50 -53.43 13.30
C GLU A 316 -3.67 -52.18 13.58
N PHE A 317 -4.25 -51.00 13.36
CA PHE A 317 -3.51 -49.77 13.65
C PHE A 317 -4.25 -48.64 14.35
N ARG A 318 -3.49 -47.76 14.98
CA ARG A 318 -4.06 -46.63 15.71
C ARG A 318 -3.62 -45.28 15.18
N THR A 319 -4.52 -44.30 15.33
CA THR A 319 -4.26 -42.95 14.86
C THR A 319 -4.23 -41.92 15.97
N ALA A 320 -3.74 -40.73 15.62
CA ALA A 320 -3.64 -39.59 16.52
C ALA A 320 -3.72 -38.39 15.59
N SER A 321 -4.48 -37.38 15.97
CA SER A 321 -4.62 -36.21 15.11
C SER A 321 -4.23 -34.90 15.77
N TYR A 322 -4.04 -33.89 14.94
CA TYR A 322 -3.71 -32.57 15.40
C TYR A 322 -3.98 -31.64 14.25
N ASP A 323 -4.60 -30.51 14.54
CA ASP A 323 -4.90 -29.54 13.51
C ASP A 323 -4.53 -28.14 14.00
N ASN A 324 -4.58 -27.17 13.10
CA ASN A 324 -4.25 -25.82 13.50
C ASN A 324 -5.15 -24.84 12.77
N THR A 325 -5.24 -23.64 13.32
CA THR A 325 -6.08 -22.64 12.73
C THR A 325 -5.52 -21.25 12.90
N ILE A 326 -5.29 -20.59 11.79
CA ILE A 326 -4.76 -19.24 11.80
C ILE A 326 -5.73 -18.39 12.63
N ALA A 327 -5.17 -17.67 13.59
CA ALA A 327 -5.97 -16.83 14.46
C ALA A 327 -5.09 -15.63 14.82
N PHE A 328 -5.58 -14.42 14.56
CA PHE A 328 -4.79 -13.22 14.83
C PHE A 328 -5.58 -12.24 15.70
N SER A 329 -4.96 -11.11 15.99
CA SER A 329 -5.58 -10.08 16.82
C SER A 329 -4.99 -8.77 16.32
N THR A 330 -5.82 -7.75 16.11
CA THR A 330 -5.26 -6.51 15.58
C THR A 330 -5.09 -5.39 16.60
N SER A 331 -4.04 -4.59 16.37
CA SER A 331 -3.72 -3.45 17.23
C SER A 331 -4.32 -2.18 16.63
N SER A 332 -4.29 -1.07 17.37
CA SER A 332 -4.86 0.18 16.85
C SER A 332 -4.55 1.39 17.71
N GLY A 333 -4.74 2.56 17.12
CA GLY A 333 -4.50 3.81 17.82
C GLY A 333 -5.41 4.96 17.39
N GLN A 334 -6.23 5.44 18.31
CA GLN A 334 -7.13 6.56 18.02
C GLN A 334 -6.59 7.78 18.76
N GLY A 335 -6.94 8.96 18.25
CA GLY A 335 -6.49 10.17 18.88
C GLY A 335 -7.49 11.29 18.64
N GLN A 336 -7.20 12.47 19.16
CA GLN A 336 -8.13 13.57 18.98
C GLN A 336 -7.50 14.84 19.49
N GLY A 337 -8.19 15.96 19.23
CA GLY A 337 -7.67 17.23 19.68
C GLY A 337 -8.56 18.40 19.35
N ASP A 338 -8.15 19.57 19.81
CA ASP A 338 -8.90 20.78 19.56
C ASP A 338 -8.06 21.72 18.69
N LEU A 339 -8.71 22.42 17.76
CA LEU A 339 -8.00 23.36 16.88
C LEU A 339 -7.47 24.49 17.77
N CYS A 340 -6.21 24.85 17.55
CA CYS A 340 -5.53 25.88 18.34
C CYS A 340 -5.93 27.34 18.15
N GLY B 21 -25.12 44.07 -24.77
CA GLY B 21 -24.25 42.90 -24.46
C GLY B 21 -23.95 42.05 -25.68
N SER B 22 -22.74 42.19 -26.23
CA SER B 22 -22.34 41.46 -27.42
C SER B 22 -20.84 41.16 -27.51
N ASN B 23 -20.44 40.58 -28.65
CA ASN B 23 -19.04 40.22 -28.91
C ASN B 23 -18.34 41.37 -29.61
N VAL B 24 -17.28 41.84 -28.99
CA VAL B 24 -16.50 42.95 -29.52
C VAL B 24 -15.15 42.55 -30.11
N ASN B 25 -15.02 41.29 -30.54
CA ASN B 25 -13.77 40.80 -31.10
C ASN B 25 -13.14 41.77 -32.10
N HIS B 26 -13.96 42.34 -32.98
CA HIS B 26 -13.46 43.29 -33.97
C HIS B 26 -12.86 44.51 -33.29
N LEU B 27 -13.38 44.83 -32.11
CA LEU B 27 -12.91 45.98 -31.34
C LEU B 27 -11.67 45.68 -30.50
N ILE B 28 -11.13 44.48 -30.69
CA ILE B 28 -9.93 44.10 -29.98
C ILE B 28 -8.77 44.24 -30.96
N LYS B 29 -7.59 44.56 -30.45
CA LYS B 29 -6.44 44.80 -31.28
C LYS B 29 -5.21 44.12 -30.70
N VAL B 30 -4.98 42.86 -31.09
CA VAL B 30 -3.83 42.08 -30.60
C VAL B 30 -2.53 42.71 -31.07
N THR B 31 -1.59 42.94 -30.17
CA THR B 31 -0.33 43.54 -30.57
C THR B 31 0.86 42.60 -30.41
N ASP B 32 0.71 41.58 -29.59
CA ASP B 32 1.75 40.58 -29.32
C ASP B 32 1.15 39.18 -29.11
N GLN B 33 1.86 38.17 -29.61
CA GLN B 33 1.43 36.79 -29.49
C GLN B 33 2.64 35.91 -29.58
N SER B 34 2.62 34.79 -28.85
CA SER B 34 3.73 33.86 -28.86
C SER B 34 3.45 32.56 -28.13
N ILE B 35 3.38 31.47 -28.89
CA ILE B 35 3.19 30.15 -28.32
C ILE B 35 4.62 29.74 -27.99
N THR B 36 4.87 29.45 -26.72
CA THR B 36 6.19 29.08 -26.25
C THR B 36 6.14 27.77 -25.47
N GLU B 37 7.21 26.98 -25.53
CA GLU B 37 7.25 25.73 -24.78
C GLU B 37 7.65 25.97 -23.32
N GLY B 38 7.19 25.08 -22.44
CA GLY B 38 7.48 25.21 -21.02
C GLY B 38 8.96 25.12 -20.69
N TYR B 39 9.68 24.25 -21.40
CA TYR B 39 11.11 24.06 -21.19
C TYR B 39 11.84 24.56 -22.43
N ASP B 40 13.15 24.76 -22.29
CA ASP B 40 13.96 25.27 -23.38
C ASP B 40 14.88 24.20 -23.96
N ASP B 41 14.95 23.08 -23.26
CA ASP B 41 15.82 21.94 -23.62
C ASP B 41 15.10 20.78 -24.31
N SER B 42 13.96 21.05 -24.94
CA SER B 42 13.16 20.06 -25.66
C SER B 42 12.16 20.85 -26.53
N ASP B 43 12.70 21.43 -27.60
CA ASP B 43 11.92 22.25 -28.53
C ASP B 43 11.45 21.50 -29.75
N GLY B 44 10.21 21.79 -30.14
CA GLY B 44 9.60 21.11 -31.27
C GLY B 44 9.00 19.86 -30.65
N ILE B 45 9.27 19.72 -29.36
CA ILE B 45 8.83 18.60 -28.55
C ILE B 45 8.25 18.99 -27.20
N ILE B 46 7.10 18.39 -26.90
CA ILE B 46 6.42 18.62 -25.62
C ILE B 46 6.53 17.33 -24.82
N LYS B 47 7.33 17.34 -23.76
CA LYS B 47 7.48 16.17 -22.91
C LYS B 47 6.23 16.10 -22.01
N ALA B 48 5.11 15.70 -22.60
CA ALA B 48 3.85 15.61 -21.88
C ALA B 48 3.98 14.88 -20.54
N HIS B 49 4.77 13.81 -20.51
CA HIS B 49 4.91 13.07 -19.27
C HIS B 49 5.97 13.70 -18.36
N ASP B 50 6.30 14.96 -18.64
CA ASP B 50 7.27 15.68 -17.82
C ASP B 50 6.64 16.99 -17.36
N ALA B 51 5.37 17.19 -17.73
CA ALA B 51 4.63 18.38 -17.36
C ALA B 51 5.05 19.63 -18.12
N GLU B 52 5.60 19.46 -19.33
CA GLU B 52 6.00 20.60 -20.13
C GLU B 52 4.70 21.20 -20.64
N ASN B 53 4.49 22.47 -20.36
CA ASN B 53 3.29 23.14 -20.81
C ASN B 53 3.56 23.94 -22.09
N LEU B 54 2.52 24.56 -22.63
CA LEU B 54 2.63 25.39 -23.82
C LEU B 54 2.14 26.74 -23.35
N ILE B 55 3.03 27.72 -23.35
CA ILE B 55 2.65 29.03 -22.87
C ILE B 55 2.23 29.91 -24.01
N TYR B 56 1.07 30.55 -23.86
CA TYR B 56 0.53 31.44 -24.87
C TYR B 56 0.43 32.87 -24.32
N ASP B 57 1.16 33.79 -24.92
CA ASP B 57 1.14 35.19 -24.48
C ASP B 57 0.49 36.06 -25.52
N VAL B 58 -0.51 36.81 -25.10
CA VAL B 58 -1.21 37.72 -25.99
C VAL B 58 -1.36 39.06 -25.28
N THR B 59 -1.25 40.15 -26.05
CA THR B 59 -1.40 41.49 -25.48
C THR B 59 -2.31 42.25 -26.44
N PHE B 60 -3.35 42.89 -25.91
CA PHE B 60 -4.27 43.58 -26.80
C PHE B 60 -4.87 44.89 -26.30
N GLU B 61 -5.23 45.73 -27.27
CA GLU B 61 -5.83 47.03 -26.99
C GLU B 61 -7.33 46.82 -27.06
N VAL B 62 -8.07 47.52 -26.21
CA VAL B 62 -9.51 47.40 -26.19
C VAL B 62 -10.04 48.78 -26.54
N ASP B 63 -10.60 48.89 -27.74
CA ASP B 63 -11.15 50.15 -28.22
C ASP B 63 -12.11 50.82 -27.23
N ASP B 64 -12.05 52.14 -27.15
CA ASP B 64 -12.92 52.91 -26.25
C ASP B 64 -14.38 52.55 -26.37
N LYS B 65 -14.84 52.35 -27.61
CA LYS B 65 -16.24 51.98 -27.89
C LYS B 65 -16.72 50.76 -27.12
N VAL B 66 -15.80 49.97 -26.59
CA VAL B 66 -16.19 48.79 -25.84
C VAL B 66 -16.92 49.20 -24.57
N LYS B 67 -18.12 48.66 -24.42
CA LYS B 67 -18.98 48.95 -23.28
C LYS B 67 -19.05 47.73 -22.37
N SER B 68 -19.27 47.96 -21.08
CA SER B 68 -19.36 46.86 -20.12
C SER B 68 -20.41 45.84 -20.54
N GLY B 69 -20.10 44.56 -20.39
CA GLY B 69 -21.04 43.54 -20.80
C GLY B 69 -20.64 42.92 -22.14
N ASP B 70 -19.82 43.63 -22.92
CA ASP B 70 -19.36 43.11 -24.21
C ASP B 70 -18.38 41.97 -23.94
N THR B 71 -18.20 41.07 -24.90
CA THR B 71 -17.32 39.93 -24.72
C THR B 71 -16.35 39.67 -25.88
N MET B 72 -15.21 39.07 -25.56
CA MET B 72 -14.22 38.75 -26.59
C MET B 72 -13.80 37.30 -26.40
N THR B 73 -13.38 36.65 -27.47
CA THR B 73 -12.96 35.27 -27.33
C THR B 73 -11.46 35.07 -27.40
N VAL B 74 -11.02 33.94 -26.84
CA VAL B 74 -9.63 33.53 -26.83
C VAL B 74 -9.71 32.02 -26.99
N ASN B 75 -8.98 31.49 -27.96
CA ASN B 75 -8.99 30.06 -28.22
C ASN B 75 -7.65 29.43 -27.95
N ILE B 76 -7.66 28.19 -27.47
CA ILE B 76 -6.43 27.47 -27.24
C ILE B 76 -6.56 26.31 -28.22
N ASP B 77 -5.46 25.64 -28.51
CA ASP B 77 -5.46 24.53 -29.46
C ASP B 77 -6.45 23.42 -29.10
N LYS B 78 -7.24 22.99 -30.09
CA LYS B 78 -8.24 21.94 -29.87
C LYS B 78 -7.66 20.65 -29.28
N ASN B 79 -6.34 20.49 -29.39
CA ASN B 79 -5.69 19.32 -28.84
C ASN B 79 -5.04 19.64 -27.49
N THR B 80 -5.47 20.73 -26.88
CA THR B 80 -4.91 21.12 -25.59
C THR B 80 -6.02 21.41 -24.57
N VAL B 81 -5.62 21.54 -23.32
CA VAL B 81 -6.53 21.82 -22.21
C VAL B 81 -5.84 22.71 -21.21
N PRO B 82 -6.64 23.43 -20.39
CA PRO B 82 -6.08 24.33 -19.37
C PRO B 82 -5.25 23.57 -18.34
N SER B 83 -5.63 22.34 -18.05
CA SER B 83 -4.89 21.54 -17.08
C SER B 83 -4.91 20.03 -17.33
N ASP B 84 -3.76 19.39 -17.17
CA ASP B 84 -3.68 17.94 -17.37
C ASP B 84 -3.87 17.19 -16.06
N LEU B 85 -4.44 17.86 -15.05
CA LEU B 85 -4.66 17.25 -13.75
C LEU B 85 -6.04 17.44 -13.14
N THR B 86 -6.84 18.34 -13.71
CA THR B 86 -8.17 18.57 -13.19
C THR B 86 -9.06 19.02 -14.34
N ASP B 87 -10.32 18.60 -14.31
CA ASP B 87 -11.26 19.00 -15.36
C ASP B 87 -12.03 20.25 -14.91
N SER B 88 -11.38 21.07 -14.08
CA SER B 88 -11.96 22.28 -13.50
C SER B 88 -11.74 23.42 -14.49
N ALA B 90 -9.98 26.82 -14.73
CA ALA B 90 -9.65 27.88 -13.78
C ALA B 90 -10.03 29.26 -14.40
N ILE B 91 -9.24 29.75 -15.37
CA ILE B 91 -9.48 31.04 -16.06
C ILE B 91 -9.19 32.31 -15.26
N PRO B 92 -7.96 32.79 -15.32
CA PRO B 92 -7.61 34.00 -14.58
C PRO B 92 -8.41 35.22 -15.03
N LYS B 93 -8.81 36.04 -14.07
CA LYS B 93 -9.54 37.25 -14.41
C LYS B 93 -8.48 38.25 -14.88
N ILE B 94 -8.89 39.40 -15.40
CA ILE B 94 -7.90 40.39 -15.84
C ILE B 94 -7.86 41.59 -14.90
N GLY B 99 -6.00 47.54 -8.42
CA GLY B 99 -6.49 46.20 -8.13
C GLY B 99 -7.87 45.87 -8.70
N GLU B 100 -8.42 46.77 -9.51
CA GLU B 100 -9.73 46.54 -10.11
C GLU B 100 -9.82 45.36 -11.09
N ILE B 101 -10.99 44.74 -11.12
CA ILE B 101 -11.26 43.63 -12.02
C ILE B 101 -11.80 44.18 -13.34
N ILE B 102 -11.02 44.01 -14.42
CA ILE B 102 -11.42 44.51 -15.72
C ILE B 102 -12.36 43.54 -16.43
N ALA B 103 -12.06 42.25 -16.32
CA ALA B 103 -12.89 41.25 -16.96
C ALA B 103 -12.61 39.86 -16.45
N THR B 104 -13.66 39.06 -16.44
CA THR B 104 -13.61 37.69 -15.98
C THR B 104 -14.10 36.86 -17.15
N GLY B 105 -13.56 35.66 -17.28
CA GLY B 105 -13.98 34.82 -18.39
C GLY B 105 -14.22 33.38 -18.04
N THR B 106 -15.09 32.75 -18.81
CA THR B 106 -15.43 31.35 -18.62
C THR B 106 -14.85 30.51 -19.75
N TYR B 107 -14.61 29.24 -19.47
CA TYR B 107 -14.02 28.33 -20.44
C TYR B 107 -14.97 27.23 -20.91
N ASP B 108 -14.97 27.01 -22.22
CA ASP B 108 -15.82 26.00 -22.86
C ASP B 108 -14.91 24.88 -23.38
N ASN B 109 -14.93 23.74 -22.71
CA ASN B 109 -14.07 22.63 -23.13
C ASN B 109 -14.50 21.96 -24.42
N THR B 110 -15.71 22.23 -24.88
CA THR B 110 -16.16 21.60 -26.11
C THR B 110 -15.36 22.12 -27.32
N ASN B 111 -15.18 23.44 -27.37
CA ASN B 111 -14.45 24.10 -28.46
C ASN B 111 -13.12 24.70 -27.99
N LYS B 112 -12.81 24.50 -26.71
CA LYS B 112 -11.57 25.03 -26.15
C LYS B 112 -11.51 26.54 -26.26
N GLN B 113 -12.68 27.17 -26.23
CA GLN B 113 -12.78 28.62 -26.33
C GLN B 113 -13.06 29.28 -24.98
N ILE B 114 -12.42 30.41 -24.73
CA ILE B 114 -12.62 31.15 -23.50
C ILE B 114 -13.47 32.39 -23.80
N THR B 115 -14.27 32.82 -22.83
CA THR B 115 -15.06 34.01 -23.05
C THR B 115 -14.88 35.04 -21.93
N TYR B 116 -14.10 36.07 -22.23
CA TYR B 116 -13.87 37.12 -21.28
C TYR B 116 -15.00 38.14 -21.42
N THR B 117 -15.51 38.60 -20.29
CA THR B 117 -16.60 39.57 -20.26
C THR B 117 -16.15 40.82 -19.51
N PHE B 118 -16.26 41.96 -20.17
CA PHE B 118 -15.84 43.21 -19.53
C PHE B 118 -16.78 43.76 -18.48
N THR B 119 -16.17 44.40 -17.48
CA THR B 119 -16.88 44.98 -16.36
C THR B 119 -17.09 46.50 -16.55
N ASP B 120 -17.48 47.17 -15.47
CA ASP B 120 -17.70 48.61 -15.53
C ASP B 120 -16.40 49.34 -15.81
N TYR B 121 -15.28 48.71 -15.45
CA TYR B 121 -13.95 49.27 -15.64
C TYR B 121 -13.75 49.81 -17.07
N VAL B 122 -14.30 49.13 -18.07
CA VAL B 122 -14.18 49.57 -19.46
C VAL B 122 -14.93 50.87 -19.77
N ASP B 123 -15.84 51.24 -18.86
CA ASP B 123 -16.61 52.44 -19.05
C ASP B 123 -15.97 53.65 -18.44
N LYS B 124 -15.27 53.48 -17.32
CA LYS B 124 -14.60 54.60 -16.68
C LYS B 124 -13.27 54.94 -17.37
N TYR B 125 -12.65 53.94 -17.98
CA TYR B 125 -11.34 54.13 -18.61
C TYR B 125 -11.24 54.15 -20.13
N CYS B 126 -10.13 54.69 -20.61
CA CYS B 126 -9.86 54.78 -22.04
C CYS B 126 -8.46 54.25 -22.33
N ASN B 127 -8.25 53.82 -23.58
CA ASN B 127 -6.98 53.27 -24.00
C ASN B 127 -6.63 52.07 -23.14
N ILE B 128 -7.66 51.30 -22.82
CA ILE B 128 -7.51 50.10 -22.01
C ILE B 128 -6.65 49.08 -22.79
N LYS B 129 -5.63 48.55 -22.13
CA LYS B 129 -4.74 47.58 -22.73
C LYS B 129 -4.59 46.38 -21.80
N ALA B 130 -4.66 45.18 -22.35
CA ALA B 130 -4.57 43.97 -21.55
C ALA B 130 -3.59 42.95 -22.13
N HIS B 131 -3.09 42.10 -21.24
CA HIS B 131 -2.17 41.05 -21.60
C HIS B 131 -2.45 39.80 -20.78
N LEU B 132 -2.40 38.64 -21.44
CA LEU B 132 -2.64 37.37 -20.78
C LEU B 132 -1.46 36.42 -20.95
N LYS B 133 -1.36 35.48 -20.03
CA LYS B 133 -0.32 34.45 -20.09
C LYS B 133 -1.06 33.19 -19.67
N LEU B 134 -1.59 32.49 -20.68
CA LEU B 134 -2.36 31.28 -20.44
C LEU B 134 -1.54 30.03 -20.62
N THR B 135 -1.55 29.18 -19.60
CA THR B 135 -0.84 27.92 -19.66
C THR B 135 -1.79 26.88 -20.24
N SER B 136 -1.24 25.79 -20.74
CA SER B 136 -2.05 24.71 -21.33
C SER B 136 -1.25 23.41 -21.49
N TYR B 137 -1.94 22.28 -21.53
CA TYR B 137 -1.24 21.00 -21.66
C TYR B 137 -1.86 20.15 -22.75
N ILE B 138 -1.21 19.03 -23.07
CA ILE B 138 -1.74 18.15 -24.09
C ILE B 138 -3.01 17.48 -23.58
N ASP B 139 -4.04 17.49 -24.40
CA ASP B 139 -5.31 16.90 -24.05
C ASP B 139 -5.24 15.42 -24.38
N LYS B 140 -4.78 14.62 -23.42
CA LYS B 140 -4.65 13.18 -23.62
C LYS B 140 -5.87 12.53 -24.22
N SER B 141 -7.01 13.18 -24.10
CA SER B 141 -8.23 12.64 -24.68
C SER B 141 -8.11 12.66 -26.20
N LYS B 142 -7.52 13.73 -26.73
CA LYS B 142 -7.34 13.89 -28.18
C LYS B 142 -6.05 13.28 -28.71
N VAL B 143 -5.00 13.26 -27.89
CA VAL B 143 -3.72 12.71 -28.27
C VAL B 143 -3.33 11.58 -27.34
N PRO B 144 -3.54 10.33 -27.79
CA PRO B 144 -3.18 9.22 -26.92
C PRO B 144 -1.87 8.53 -27.25
N ASN B 145 -1.49 8.53 -28.52
CA ASN B 145 -0.28 7.85 -28.98
C ASN B 145 0.98 8.71 -29.06
N ASN B 146 2.11 8.10 -28.68
CA ASN B 146 3.41 8.75 -28.69
C ASN B 146 3.83 9.28 -30.05
N ASN B 147 4.65 10.33 -30.03
CA ASN B 147 5.15 10.99 -31.24
C ASN B 147 4.03 11.33 -32.20
N THR B 148 3.19 12.28 -31.80
CA THR B 148 2.08 12.72 -32.60
C THR B 148 2.36 14.15 -33.01
N LYS B 149 2.79 14.36 -34.25
CA LYS B 149 3.07 15.71 -34.72
C LYS B 149 1.75 16.49 -34.68
N LEU B 150 1.81 17.78 -34.35
CA LEU B 150 0.60 18.60 -34.26
C LEU B 150 0.82 20.03 -34.72
N ASP B 151 -0.20 20.64 -35.30
CA ASP B 151 -0.10 22.04 -35.68
C ASP B 151 -1.05 22.71 -34.70
N VAL B 152 -0.50 23.16 -33.58
CA VAL B 152 -1.33 23.79 -32.57
C VAL B 152 -1.62 25.21 -32.96
N GLU B 153 -2.82 25.67 -32.62
CA GLU B 153 -3.18 27.03 -32.94
C GLU B 153 -3.78 27.76 -31.76
N TYR B 154 -3.38 29.02 -31.61
CA TYR B 154 -3.88 29.87 -30.56
C TYR B 154 -4.26 31.17 -31.23
N LYS B 155 -5.35 31.77 -30.77
CA LYS B 155 -5.78 33.02 -31.36
C LYS B 155 -6.60 33.77 -30.36
N THR B 156 -6.46 35.08 -30.39
CA THR B 156 -7.21 35.96 -29.50
C THR B 156 -7.98 36.87 -30.43
N ALA B 157 -9.29 36.89 -30.28
CA ALA B 157 -10.15 37.72 -31.13
C ALA B 157 -9.93 37.31 -32.59
N LEU B 158 -9.26 38.16 -33.36
CA LEU B 158 -9.05 37.83 -34.75
C LEU B 158 -7.64 37.44 -35.14
N SER B 159 -6.68 37.62 -34.22
CA SER B 159 -5.30 37.25 -34.51
C SER B 159 -4.94 35.86 -34.03
N SER B 160 -4.45 35.03 -34.95
CA SER B 160 -4.07 33.67 -34.62
C SER B 160 -2.55 33.55 -34.65
N VAL B 161 -2.05 32.38 -34.30
CA VAL B 161 -0.62 32.15 -34.29
C VAL B 161 -0.45 30.63 -34.17
N ASN B 162 0.55 30.08 -34.85
CA ASN B 162 0.75 28.63 -34.84
C ASN B 162 2.16 28.17 -34.51
N LYS B 163 2.28 26.88 -34.22
CA LYS B 163 3.58 26.31 -33.92
C LYS B 163 3.48 24.84 -34.23
N THR B 164 4.61 24.21 -34.47
CA THR B 164 4.63 22.78 -34.76
C THR B 164 5.30 22.06 -33.60
N ILE B 165 4.68 20.97 -33.17
CA ILE B 165 5.24 20.20 -32.07
C ILE B 165 4.84 18.74 -32.15
N THR B 166 5.73 17.91 -31.60
CA THR B 166 5.51 16.48 -31.53
C THR B 166 5.33 16.13 -30.06
N VAL B 167 4.30 15.35 -29.76
CA VAL B 167 4.00 14.95 -28.40
C VAL B 167 4.82 13.72 -28.03
N GLU B 168 5.39 13.74 -26.83
CA GLU B 168 6.22 12.64 -26.41
C GLU B 168 5.87 12.09 -25.03
N TYR B 169 5.57 10.78 -25.03
CA TYR B 169 5.19 10.06 -23.82
C TYR B 169 6.33 9.14 -23.35
N GLN B 170 6.34 8.86 -22.06
CA GLN B 170 7.35 8.03 -21.40
C GLN B 170 7.36 6.59 -21.86
N LYS B 171 8.36 5.84 -21.38
CA LYS B 171 8.52 4.42 -21.70
C LYS B 171 8.57 3.60 -20.41
N PRO B 172 7.93 2.42 -20.40
CA PRO B 172 7.95 1.58 -19.20
C PRO B 172 9.35 1.37 -18.62
N ASN B 173 9.43 1.23 -17.31
CA ASN B 173 10.71 1.00 -16.64
C ASN B 173 10.82 -0.51 -16.37
N GLU B 174 11.85 -1.14 -16.94
CA GLU B 174 12.03 -2.56 -16.78
C GLU B 174 13.34 -3.01 -16.18
N ASN B 175 13.37 -4.29 -15.87
CA ASN B 175 14.50 -4.95 -15.26
C ASN B 175 14.06 -6.40 -15.34
N ARG B 176 14.56 -7.11 -16.35
CA ARG B 176 14.18 -8.51 -16.55
C ARG B 176 12.67 -8.54 -16.82
N THR B 177 11.92 -9.32 -16.06
CA THR B 177 10.49 -9.37 -16.29
C THR B 177 9.72 -8.23 -15.64
N ALA B 178 10.23 -7.69 -14.54
CA ALA B 178 9.56 -6.60 -13.85
C ALA B 178 9.59 -5.33 -14.71
N ASN B 179 8.41 -4.80 -15.04
CA ASN B 179 8.34 -3.58 -15.86
C ASN B 179 7.05 -2.76 -15.63
N LEU B 180 7.19 -1.46 -15.47
CA LEU B 180 6.02 -0.62 -15.24
C LEU B 180 6.27 0.85 -15.54
N GLN B 181 5.19 1.61 -15.58
CA GLN B 181 5.25 3.04 -15.82
C GLN B 181 3.99 3.57 -15.17
N SER B 182 4.03 4.80 -14.67
CA SER B 182 2.86 5.37 -14.04
C SER B 182 2.76 6.85 -14.35
N MET B 183 1.69 7.46 -13.85
CA MET B 183 1.47 8.88 -14.08
C MET B 183 0.30 9.42 -13.26
N PHE B 184 0.46 10.64 -12.76
CA PHE B 184 -0.59 11.32 -12.00
C PHE B 184 -1.59 11.81 -13.01
N THR B 185 -2.85 11.42 -12.82
CA THR B 185 -3.90 11.78 -13.75
C THR B 185 -4.92 12.76 -13.20
N ASN B 186 -4.84 13.06 -11.91
CA ASN B 186 -5.81 13.97 -11.34
C ASN B 186 -5.47 14.44 -9.94
N ILE B 187 -5.88 15.66 -9.65
CA ILE B 187 -5.67 16.23 -8.34
C ILE B 187 -6.95 16.97 -7.97
N ASP B 188 -7.33 16.82 -6.71
CA ASP B 188 -8.51 17.45 -6.17
C ASP B 188 -8.01 18.24 -4.99
N THR B 189 -7.73 19.53 -5.20
CA THR B 189 -7.22 20.37 -4.12
C THR B 189 -8.33 20.75 -3.14
N LYS B 190 -9.55 20.31 -3.42
CA LYS B 190 -10.69 20.61 -2.56
C LYS B 190 -10.98 19.45 -1.61
N ASN B 191 -10.33 18.31 -1.84
CA ASN B 191 -10.48 17.13 -1.01
C ASN B 191 -9.12 16.57 -0.64
N HIS B 192 -8.09 17.15 -1.24
CA HIS B 192 -6.74 16.73 -0.96
C HIS B 192 -6.48 15.29 -1.41
N THR B 193 -6.82 15.00 -2.66
CA THR B 193 -6.60 13.67 -3.22
C THR B 193 -5.88 13.79 -4.55
N VAL B 194 -5.25 12.69 -4.95
CA VAL B 194 -4.57 12.64 -6.23
C VAL B 194 -4.85 11.27 -6.76
N GLU B 195 -4.83 11.15 -8.08
CA GLU B 195 -5.10 9.89 -8.71
C GLU B 195 -3.85 9.48 -9.45
N GLN B 196 -3.53 8.19 -9.42
CA GLN B 196 -2.36 7.71 -10.11
C GLN B 196 -2.73 6.51 -10.97
N THR B 197 -2.64 6.69 -12.28
CA THR B 197 -2.95 5.63 -13.22
C THR B 197 -1.62 4.88 -13.41
N ILE B 198 -1.65 3.57 -13.19
CA ILE B 198 -0.43 2.77 -13.29
C ILE B 198 -0.54 1.58 -14.22
N TYR B 199 0.46 1.42 -15.07
CA TYR B 199 0.48 0.29 -15.98
C TYR B 199 1.45 -0.74 -15.41
N ILE B 200 0.95 -1.93 -15.06
CA ILE B 200 1.80 -2.98 -14.53
C ILE B 200 1.98 -4.06 -15.60
N ASN B 201 3.22 -4.22 -16.06
CA ASN B 201 3.62 -5.19 -17.09
C ASN B 201 3.04 -4.92 -18.49
N PRO B 202 3.25 -3.71 -19.04
CA PRO B 202 2.74 -3.38 -20.37
C PRO B 202 3.56 -4.01 -21.50
N LEU B 203 4.83 -4.32 -21.22
CA LEU B 203 5.65 -4.93 -22.23
C LEU B 203 5.12 -6.34 -22.48
N ARG B 204 4.33 -6.84 -21.54
CA ARG B 204 3.74 -8.16 -21.63
C ARG B 204 4.74 -9.30 -21.44
N TYR B 205 5.52 -9.22 -20.37
CA TYR B 205 6.48 -10.28 -20.09
C TYR B 205 5.82 -11.32 -19.19
N SER B 206 6.42 -12.50 -19.11
CA SER B 206 5.85 -13.55 -18.28
C SER B 206 6.39 -13.39 -16.86
N ALA B 207 5.87 -12.39 -16.15
CA ALA B 207 6.30 -12.09 -14.78
C ALA B 207 5.75 -13.04 -13.69
N LYS B 208 6.64 -13.79 -13.06
CA LYS B 208 6.24 -14.75 -12.02
C LYS B 208 6.16 -14.11 -10.63
N GLU B 209 5.24 -14.61 -9.80
CA GLU B 209 5.07 -14.07 -8.46
C GLU B 209 5.15 -12.53 -8.41
N THR B 210 4.43 -11.87 -9.31
CA THR B 210 4.43 -10.42 -9.38
C THR B 210 3.76 -9.74 -8.18
N ASN B 211 4.52 -8.90 -7.50
CA ASN B 211 4.00 -8.16 -6.35
C ASN B 211 4.34 -6.70 -6.56
N VAL B 212 3.30 -5.86 -6.59
CA VAL B 212 3.46 -4.44 -6.81
C VAL B 212 3.41 -3.66 -5.51
N ASN B 213 4.27 -2.67 -5.37
CA ASN B 213 4.26 -1.86 -4.16
C ASN B 213 4.03 -0.38 -4.47
N ILE B 214 3.19 0.26 -3.66
CA ILE B 214 2.86 1.67 -3.81
C ILE B 214 3.19 2.33 -2.49
N SER B 215 4.04 3.35 -2.50
CA SER B 215 4.38 4.02 -1.27
C SER B 215 4.24 5.54 -1.32
N GLY B 216 3.71 6.10 -0.25
CA GLY B 216 3.53 7.53 -0.18
C GLY B 216 4.75 8.21 0.40
N ASN B 217 5.76 7.42 0.75
CA ASN B 217 7.00 7.95 1.32
C ASN B 217 7.93 8.26 0.17
N GLY B 218 7.88 9.50 -0.30
CA GLY B 218 8.70 9.87 -1.43
C GLY B 218 10.12 10.30 -1.13
N ASP B 219 10.86 10.54 -2.22
CA ASP B 219 12.23 10.99 -2.15
C ASP B 219 12.26 12.51 -2.15
N GLU B 220 11.27 13.12 -2.78
CA GLU B 220 11.17 14.57 -2.84
C GLU B 220 9.85 14.99 -2.22
N GLY B 221 8.78 14.30 -2.61
CA GLY B 221 7.46 14.60 -2.08
C GLY B 221 6.87 13.45 -1.29
N SER B 222 5.54 13.39 -1.21
CA SER B 222 4.91 12.30 -0.46
C SER B 222 3.40 12.33 -0.57
N THR B 223 2.77 11.22 -0.17
CA THR B 223 1.33 11.10 -0.17
C THR B 223 0.97 10.35 1.11
N ILE B 224 -0.24 9.80 1.15
CA ILE B 224 -0.70 9.08 2.33
C ILE B 224 -1.44 7.81 1.96
N ILE B 225 -0.88 6.67 2.32
CA ILE B 225 -1.54 5.41 2.00
C ILE B 225 -2.06 4.76 3.26
N ASP B 226 -3.27 5.14 3.65
CA ASP B 226 -3.91 4.57 4.83
C ASP B 226 -5.05 3.70 4.33
N ASP B 227 -6.00 3.37 5.21
CA ASP B 227 -7.12 2.52 4.83
C ASP B 227 -8.27 3.23 4.12
N SER B 228 -8.07 4.48 3.71
CA SER B 228 -9.10 5.20 2.97
C SER B 228 -8.76 5.15 1.48
N THR B 229 -7.51 4.80 1.17
CA THR B 229 -7.04 4.69 -0.20
C THR B 229 -7.96 3.83 -1.07
N ILE B 230 -8.34 4.37 -2.22
CA ILE B 230 -9.19 3.65 -3.18
C ILE B 230 -8.28 3.01 -4.22
N ILE B 231 -8.39 1.70 -4.36
CA ILE B 231 -7.56 0.97 -5.33
C ILE B 231 -8.35 0.10 -6.30
N LYS B 232 -8.07 0.27 -7.58
CA LYS B 232 -8.74 -0.50 -8.63
C LYS B 232 -7.72 -1.17 -9.51
N VAL B 233 -8.04 -2.35 -9.99
CA VAL B 233 -7.13 -3.07 -10.87
C VAL B 233 -7.98 -3.61 -12.01
N TYR B 234 -7.43 -3.64 -13.20
CA TYR B 234 -8.18 -4.13 -14.34
C TYR B 234 -7.21 -4.91 -15.18
N LYS B 235 -7.69 -5.96 -15.84
CA LYS B 235 -6.81 -6.72 -16.71
C LYS B 235 -6.98 -6.21 -18.13
N VAL B 236 -5.88 -6.19 -18.87
CA VAL B 236 -5.88 -5.72 -20.25
C VAL B 236 -5.81 -6.91 -21.17
N GLY B 237 -6.94 -7.18 -21.82
CA GLY B 237 -7.04 -8.30 -22.74
C GLY B 237 -5.98 -8.38 -23.80
N ASP B 238 -5.84 -9.57 -24.38
CA ASP B 238 -4.87 -9.83 -25.44
C ASP B 238 -5.23 -8.94 -26.62
N ASN B 239 -6.53 -8.80 -26.82
CA ASN B 239 -7.11 -7.99 -27.88
C ASN B 239 -7.06 -6.47 -27.60
N GLN B 240 -6.17 -6.02 -26.71
CA GLN B 240 -6.13 -4.58 -26.41
C GLN B 240 -4.75 -3.91 -26.36
N ASN B 241 -4.76 -2.57 -26.34
CA ASN B 241 -3.54 -1.74 -26.28
C ASN B 241 -3.80 -0.57 -25.34
N LEU B 242 -2.82 -0.26 -24.49
CA LEU B 242 -2.97 0.86 -23.57
C LEU B 242 -2.49 2.12 -24.24
N PRO B 243 -3.25 3.22 -24.06
CA PRO B 243 -2.80 4.44 -24.71
C PRO B 243 -1.46 4.84 -24.14
N ASP B 244 -0.61 5.42 -24.96
CA ASP B 244 0.69 5.86 -24.50
C ASP B 244 0.50 7.05 -23.58
N SER B 245 -0.59 7.79 -23.78
CA SER B 245 -0.85 8.94 -22.96
C SER B 245 -0.83 8.55 -21.48
N ASN B 246 -0.88 7.24 -21.20
CA ASN B 246 -0.87 6.70 -19.84
C ASN B 246 -2.00 7.24 -18.97
N ARG B 247 -3.17 7.46 -19.58
CA ARG B 247 -4.35 7.94 -18.88
C ARG B 247 -5.58 7.25 -19.47
N ILE B 248 -6.50 6.85 -18.60
CA ILE B 248 -7.71 6.14 -19.04
C ILE B 248 -9.01 6.95 -18.94
N TYR B 249 -9.70 7.12 -20.06
CA TYR B 249 -10.96 7.85 -20.04
C TYR B 249 -12.20 6.95 -20.08
N ASP B 250 -12.00 5.64 -20.07
CA ASP B 250 -13.11 4.71 -20.07
C ASP B 250 -12.76 3.34 -19.52
N TYR B 251 -12.79 3.21 -18.21
CA TYR B 251 -12.44 1.96 -17.56
C TYR B 251 -13.43 0.84 -17.88
N SER B 252 -14.69 1.21 -18.14
CA SER B 252 -15.72 0.22 -18.46
C SER B 252 -15.29 -0.70 -19.59
N GLU B 253 -14.35 -0.23 -20.40
CA GLU B 253 -13.85 -0.98 -21.53
C GLU B 253 -12.85 -2.04 -21.08
N TYR B 254 -12.45 -1.98 -19.81
CA TYR B 254 -11.48 -2.93 -19.29
C TYR B 254 -12.04 -3.86 -18.23
N GLU B 255 -11.52 -5.07 -18.17
CA GLU B 255 -11.96 -6.06 -17.21
C GLU B 255 -11.56 -5.66 -15.79
N ASP B 256 -12.55 -5.48 -14.91
CA ASP B 256 -12.28 -5.10 -13.53
C ASP B 256 -11.89 -6.34 -12.73
N VAL B 257 -10.65 -6.40 -12.26
CA VAL B 257 -10.22 -7.56 -11.50
C VAL B 257 -9.89 -7.25 -10.05
N THR B 258 -10.37 -6.11 -9.58
CA THR B 258 -10.11 -5.72 -8.20
C THR B 258 -10.49 -6.86 -7.26
N ASN B 259 -9.54 -7.32 -6.47
CA ASN B 259 -9.81 -8.35 -5.48
C ASN B 259 -9.47 -7.74 -4.13
N ASP B 260 -10.46 -7.65 -3.25
CA ASP B 260 -10.23 -7.05 -1.94
C ASP B 260 -9.38 -7.91 -0.99
N ASP B 261 -8.65 -8.88 -1.52
CA ASP B 261 -7.80 -9.77 -0.71
C ASP B 261 -6.38 -9.85 -1.28
N TYR B 262 -6.09 -8.95 -2.22
CA TYR B 262 -4.79 -8.86 -2.89
C TYR B 262 -4.14 -7.50 -2.70
N ALA B 263 -4.78 -6.64 -1.92
CA ALA B 263 -4.24 -5.30 -1.66
C ALA B 263 -4.12 -5.12 -0.15
N GLN B 264 -2.92 -5.37 0.35
CA GLN B 264 -2.63 -5.27 1.78
C GLN B 264 -1.68 -4.15 2.17
N LEU B 265 -2.18 -3.21 2.97
CA LEU B 265 -1.40 -2.07 3.44
C LEU B 265 -0.06 -2.44 4.10
N GLY B 266 1.02 -1.86 3.57
CA GLY B 266 2.35 -2.14 4.10
C GLY B 266 2.52 -1.47 5.45
N ASN B 267 3.57 -1.88 6.16
CA ASN B 267 3.85 -1.33 7.49
C ASN B 267 4.47 0.06 7.40
N ASN B 268 4.80 0.50 6.19
CA ASN B 268 5.46 1.79 6.00
C ASN B 268 4.83 2.70 4.91
N ASN B 269 3.73 3.37 5.26
CA ASN B 269 2.99 4.25 4.35
C ASN B 269 2.93 3.72 2.93
N ASP B 270 2.75 2.41 2.81
CA ASP B 270 2.71 1.76 1.52
C ASP B 270 1.63 0.71 1.57
N VAL B 271 1.51 -0.05 0.49
CA VAL B 271 0.52 -1.09 0.38
C VAL B 271 1.03 -2.06 -0.68
N ASN B 272 0.78 -3.35 -0.48
CA ASN B 272 1.23 -4.36 -1.42
C ASN B 272 0.08 -5.01 -2.21
N ILE B 273 0.25 -5.13 -3.52
CA ILE B 273 -0.76 -5.72 -4.41
C ILE B 273 -0.21 -6.95 -5.14
N ASN B 274 -0.64 -8.13 -4.71
CA ASN B 274 -0.20 -9.39 -5.29
C ASN B 274 -0.82 -9.64 -6.66
N PHE B 275 -0.02 -10.15 -7.59
CA PHE B 275 -0.53 -10.45 -8.92
C PHE B 275 -0.20 -11.89 -9.28
N GLY B 276 0.73 -12.49 -8.55
CA GLY B 276 1.12 -13.85 -8.85
C GLY B 276 1.69 -13.89 -10.27
N ASN B 277 1.34 -14.91 -11.03
CA ASN B 277 1.82 -15.07 -12.39
C ASN B 277 0.97 -14.34 -13.42
N ILE B 278 1.60 -13.44 -14.17
CA ILE B 278 0.88 -12.67 -15.17
C ILE B 278 1.60 -12.62 -16.50
N ASP B 279 0.84 -12.31 -17.54
CA ASP B 279 1.38 -12.24 -18.89
C ASP B 279 0.64 -11.16 -19.64
N SER B 280 -0.37 -10.65 -18.97
CA SER B 280 -1.20 -9.61 -19.53
C SER B 280 -1.01 -8.33 -18.73
N PRO B 281 -1.09 -7.18 -19.40
CA PRO B 281 -0.94 -5.90 -18.72
C PRO B 281 -2.09 -5.66 -17.75
N TYR B 282 -1.86 -4.84 -16.73
CA TYR B 282 -2.90 -4.49 -15.76
C TYR B 282 -2.87 -3.00 -15.39
N ILE B 283 -4.03 -2.35 -15.34
CA ILE B 283 -4.06 -0.95 -14.96
C ILE B 283 -4.36 -0.89 -13.47
N ILE B 284 -3.79 0.10 -12.79
CA ILE B 284 -4.04 0.29 -11.37
C ILE B 284 -4.39 1.75 -11.17
N LYS B 285 -5.65 2.03 -10.84
CA LYS B 285 -6.03 3.42 -10.59
C LYS B 285 -5.96 3.58 -9.07
N VAL B 286 -5.22 4.57 -8.61
CA VAL B 286 -5.08 4.77 -7.18
C VAL B 286 -5.51 6.13 -6.75
N ILE B 287 -6.43 6.20 -5.80
CA ILE B 287 -6.85 7.50 -5.31
C ILE B 287 -6.37 7.59 -3.88
N SER B 288 -5.32 8.38 -3.69
CA SER B 288 -4.72 8.61 -2.38
C SER B 288 -4.80 10.10 -2.07
N LYS B 289 -4.48 10.47 -0.84
CA LYS B 289 -4.55 11.87 -0.44
C LYS B 289 -3.22 12.39 0.08
N TYR B 290 -3.01 13.70 -0.04
CA TYR B 290 -1.77 14.34 0.42
C TYR B 290 -2.07 15.23 1.61
N ASP B 291 -1.03 15.62 2.35
CA ASP B 291 -1.24 16.47 3.52
C ASP B 291 -1.73 17.84 3.09
N PRO B 292 -2.96 18.21 3.50
CA PRO B 292 -3.52 19.51 3.12
C PRO B 292 -2.51 20.61 3.33
N ASN B 293 -2.05 20.71 4.58
CA ASN B 293 -1.07 21.71 5.01
C ASN B 293 0.09 21.81 3.99
N LYS B 294 0.17 20.87 3.05
CA LYS B 294 1.23 20.92 2.06
C LYS B 294 1.07 22.27 1.35
N ASP B 295 1.76 23.28 1.86
CA ASP B 295 1.73 24.60 1.25
C ASP B 295 2.13 24.31 -0.20
N ASP B 296 3.15 23.46 -0.32
CA ASP B 296 3.73 23.06 -1.59
C ASP B 296 2.95 21.98 -2.34
N TYR B 297 3.00 22.04 -3.67
CA TYR B 297 2.35 21.03 -4.50
C TYR B 297 3.42 20.13 -5.14
N THR B 298 4.59 20.70 -5.41
CA THR B 298 5.70 19.94 -6.00
C THR B 298 6.33 18.98 -4.96
N THR B 299 5.63 18.84 -3.83
CA THR B 299 6.06 17.98 -2.74
C THR B 299 5.12 16.79 -2.58
N ILE B 300 4.27 16.55 -3.58
CA ILE B 300 3.36 15.42 -3.56
C ILE B 300 4.03 14.41 -4.47
N GLN B 301 4.37 13.24 -3.93
CA GLN B 301 5.06 12.25 -4.73
C GLN B 301 4.79 10.84 -4.26
N GLN B 302 4.30 10.01 -5.19
CA GLN B 302 3.95 8.62 -4.90
C GLN B 302 4.87 7.64 -5.63
N THR B 303 5.28 6.58 -4.96
CA THR B 303 6.21 5.60 -5.55
C THR B 303 5.70 4.18 -5.79
N VAL B 304 5.96 3.68 -6.99
CA VAL B 304 5.53 2.34 -7.38
C VAL B 304 6.67 1.36 -7.66
N THR B 305 6.55 0.16 -7.11
CA THR B 305 7.57 -0.86 -7.32
C THR B 305 7.04 -2.24 -7.66
N MET B 306 7.31 -2.69 -8.87
CA MET B 306 6.90 -4.02 -9.28
C MET B 306 8.07 -4.95 -9.04
N GLN B 307 7.81 -6.04 -8.36
CA GLN B 307 8.84 -7.01 -8.07
C GLN B 307 8.43 -8.35 -8.64
N THR B 308 9.39 -9.09 -9.17
CA THR B 308 9.09 -10.39 -9.72
C THR B 308 10.22 -11.33 -9.34
N THR B 309 9.94 -12.62 -9.44
CA THR B 309 10.93 -13.64 -9.14
C THR B 309 11.38 -14.23 -10.46
N ILE B 310 12.69 -14.37 -10.62
CA ILE B 310 13.25 -14.92 -11.85
C ILE B 310 13.81 -16.32 -11.60
N ASN B 311 14.16 -16.59 -10.34
CA ASN B 311 14.68 -17.88 -9.93
C ASN B 311 13.72 -18.43 -8.88
N GLU B 312 12.75 -19.21 -9.35
CA GLU B 312 11.72 -19.85 -8.53
C GLU B 312 12.30 -20.66 -7.37
N TYR B 313 13.31 -21.48 -7.66
CA TYR B 313 13.97 -22.30 -6.64
C TYR B 313 14.54 -21.42 -5.52
N THR B 314 15.44 -20.52 -5.89
CA THR B 314 16.06 -19.61 -4.93
C THR B 314 15.12 -18.48 -4.55
N GLY B 315 14.05 -18.32 -5.32
CA GLY B 315 13.10 -17.26 -5.08
C GLY B 315 13.76 -15.92 -5.35
N GLU B 316 14.88 -15.95 -6.09
CA GLU B 316 15.61 -14.74 -6.42
C GLU B 316 14.79 -13.81 -7.28
N PHE B 317 14.44 -12.65 -6.71
CA PHE B 317 13.60 -11.68 -7.38
C PHE B 317 14.33 -10.46 -7.92
N ARG B 318 13.62 -9.73 -8.78
CA ARG B 318 14.08 -8.50 -9.42
C ARG B 318 12.97 -7.47 -9.21
N THR B 319 13.29 -6.18 -9.37
CA THR B 319 12.27 -5.15 -9.21
C THR B 319 12.54 -3.99 -10.16
N ALA B 320 11.52 -3.16 -10.37
CA ALA B 320 11.62 -1.98 -11.23
C ALA B 320 10.83 -0.92 -10.51
N SER B 321 11.08 0.35 -10.84
CA SER B 321 10.37 1.43 -10.16
C SER B 321 9.86 2.50 -11.10
N TYR B 322 9.09 3.41 -10.52
CA TYR B 322 8.51 4.52 -11.25
C TYR B 322 7.83 5.41 -10.22
N ASP B 323 7.97 6.72 -10.36
CA ASP B 323 7.34 7.62 -9.42
C ASP B 323 6.81 8.85 -10.14
N ASN B 324 5.94 9.58 -9.48
CA ASN B 324 5.36 10.75 -10.09
C ASN B 324 5.40 11.90 -9.09
N THR B 325 5.38 13.12 -9.64
CA THR B 325 5.40 14.32 -8.85
C THR B 325 4.46 15.35 -9.44
N ILE B 326 3.45 15.73 -8.68
CA ILE B 326 2.50 16.73 -9.13
C ILE B 326 3.28 17.98 -9.44
N ALA B 327 2.94 18.59 -10.56
CA ALA B 327 3.56 19.83 -11.02
C ALA B 327 2.45 20.66 -11.62
N PHE B 328 2.53 21.96 -11.43
CA PHE B 328 1.49 22.84 -11.94
C PHE B 328 2.10 24.01 -12.72
N SER B 329 1.29 25.04 -12.93
CA SER B 329 1.67 26.28 -13.62
C SER B 329 0.41 27.11 -13.52
N THR B 330 0.52 28.42 -13.62
CA THR B 330 -0.68 29.22 -13.51
C THR B 330 -0.82 30.24 -14.64
N SER B 331 -2.05 30.41 -15.10
CA SER B 331 -2.35 31.37 -16.16
C SER B 331 -2.65 32.71 -15.47
N SER B 332 -2.57 33.81 -16.22
CA SER B 332 -2.82 35.14 -15.64
C SER B 332 -3.19 36.21 -16.65
N GLY B 333 -3.81 37.28 -16.15
CA GLY B 333 -4.21 38.38 -17.00
C GLY B 333 -3.98 39.69 -16.25
N GLN B 334 -3.35 40.66 -16.90
CA GLN B 334 -3.07 41.95 -16.27
C GLN B 334 -3.69 43.05 -17.12
N GLY B 335 -3.96 44.19 -16.49
CA GLY B 335 -4.56 45.30 -17.21
C GLY B 335 -4.06 46.69 -16.83
N GLN B 336 -4.67 47.69 -17.49
CA GLN B 336 -4.34 49.07 -17.26
C GLN B 336 -5.20 49.91 -18.20
N GLY B 337 -5.45 51.15 -17.81
CA GLY B 337 -6.23 52.06 -18.62
C GLY B 337 -5.84 53.46 -18.26
N ASP B 338 -6.50 54.45 -18.84
CA ASP B 338 -6.18 55.83 -18.53
C ASP B 338 -7.43 56.63 -18.28
N LEU B 339 -7.28 57.59 -17.38
CA LEU B 339 -8.33 58.51 -17.01
C LEU B 339 -8.51 59.32 -18.28
N CYS B 340 -9.65 59.17 -18.94
CA CYS B 340 -9.90 59.88 -20.20
C CYS B 340 -9.93 61.40 -20.03
#